data_9C79
#
_entry.id   9C79
#
_cell.length_a   77.493
_cell.length_b   73.892
_cell.length_c   86.573
_cell.angle_alpha   90.000
_cell.angle_beta   104.132
_cell.angle_gamma   90.000
#
_symmetry.space_group_name_H-M   'C 1 2 1'
#
loop_
_entity.id
_entity.type
_entity.pdbx_description
1 polymer 'Monoclonal antibody MAD21-101 Fab Heavy Chain'
2 polymer 'Monoclonal antibody MAD21-101 Fab Light Chain'
3 polymer 'Circumsporozoite protein'
4 branched alpha-L-fucopyranose-(1-6)-2-acetamido-2-deoxy-beta-D-glucopyranose
5 non-polymer 1,2-ETHANEDIOL
6 water water
#
loop_
_entity_poly.entity_id
_entity_poly.type
_entity_poly.pdbx_seq_one_letter_code
_entity_poly.pdbx_strand_id
1 'polypeptide(L)'
;(A1LUV)VQLQESGPGQVKPSETLSLTCSVSGASVTVDYWSWIRQTPERGLEWIGYISYTGRTNYNPSLKSRVTISTDTA
KNQVSLKLSSVTAADTAVYYCTRDRSECPDGSCFAYVMAVWGHGTTVTVSSASTKGPSVFPLAPSSKSTSGGTAALGCLV
KDYFPEPVTVSWNSGALTSGVHTFPAVLQSSGLYSLSSVVTVPSSSLGTQTYICNVNHKPSNTKVDKKVEPKSC
;
H
2 'polypeptide(L)'
;DIVMTQSPESLAVSLGERATINCKSNQSLLYSSTNKNYLVWYLQKPGQPPKLLIYWASTRESGVPDRFSGSGSGTDFTLT
ISSLQAEDVAVYYCQQYYLSPLTFGGGTTVEIKRTVAAPSVFIFPPSDEQLKSGTASVVCLLNNFYPREAKVQWKVDNAL
QSGNSQESVTEQDSKDSTYSLSSTLTLSKADYEKHKVYACEVTQGTTSVTKSFNRGEC
;
L
3 'polypeptide(L)' (PCA)PADGNPDPNANPNVDPN D
#
loop_
_chem_comp.id
_chem_comp.type
_chem_comp.name
_chem_comp.formula
EDO non-polymer 1,2-ETHANEDIOL 'C2 H6 O2'
FUC L-saccharide, alpha linking alpha-L-fucopyranose 'C6 H12 O5'
NAG D-saccharide, beta linking 2-acetamido-2-deoxy-beta-D-glucopyranose 'C8 H15 N O6'
#
# COMPACT_ATOMS: atom_id res chain seq x y z
CA A1LUV A 1 -7.73 17.63 10.39
CB A1LUV A 1 -8.09 16.57 9.35
CG A1LUV A 1 -8.57 17.41 8.16
CD A1LUV A 1 -8.31 18.89 8.50
O1 A1LUV A 1 -8.49 19.82 7.72
NZ A1LUV A 1 -7.82 18.98 9.75
C A1LUV A 1 -6.33 17.38 10.92
O A1LUV A 1 -5.37 17.97 10.42
HA A1LUV A 1 -8.35 17.57 11.14
HB2 A1LUV A 1 -7.32 16.04 9.13
HB3 A1LUV A 1 -8.78 15.98 9.68
HG2 A1LUV A 1 -8.10 17.21 7.34
HG3 A1LUV A 1 -9.52 17.32 7.99
HZ1 A1LUV A 1 -8.60 19.04 9.33
N VAL A 2 -6.20 16.49 11.91
CA VAL A 2 -4.89 16.09 12.41
C VAL A 2 -4.14 15.48 11.27
N GLN A 3 -2.90 15.88 11.08
CA GLN A 3 -2.11 15.37 9.96
C GLN A 3 -0.70 15.04 10.45
N LEU A 4 -0.25 13.82 10.16
CA LEU A 4 1.09 13.36 10.51
C LEU A 4 1.83 13.09 9.21
N GLN A 5 3.08 13.53 9.13
CA GLN A 5 3.90 13.32 7.94
C GLN A 5 5.28 12.84 8.32
N GLU A 6 5.61 11.60 7.92
CA GLU A 6 6.91 11.01 8.20
C GLU A 6 7.92 11.45 7.15
N SER A 7 9.17 11.64 7.59
CA SER A 7 10.28 11.90 6.68
C SER A 7 11.36 10.88 6.97
N GLY A 8 11.96 10.35 5.91
CA GLY A 8 12.99 9.35 6.03
C GLY A 8 13.91 9.34 4.84
N PRO A 9 14.93 8.48 4.90
CA PRO A 9 16.01 8.51 3.90
C PRO A 9 15.79 7.67 2.66
N GLY A 10 14.76 6.85 2.60
CA GLY A 10 14.54 5.98 1.48
C GLY A 10 15.33 4.69 1.70
N GLN A 11 16.61 4.73 1.40
CA GLN A 11 17.49 3.60 1.63
C GLN A 11 18.47 3.93 2.77
N VAL A 12 18.76 2.91 3.58
CA VAL A 12 19.84 2.95 4.56
CA VAL A 12 19.84 2.94 4.55
C VAL A 12 20.70 1.71 4.31
N LYS A 13 21.99 1.83 4.61
CA LYS A 13 22.90 0.71 4.40
C LYS A 13 22.98 -0.16 5.66
N PRO A 14 23.29 -1.45 5.50
CA PRO A 14 23.34 -2.36 6.65
C PRO A 14 24.27 -1.86 7.74
N SER A 15 23.82 -2.00 8.98
CA SER A 15 24.54 -1.70 10.18
C SER A 15 24.54 -0.21 10.52
N GLU A 16 23.96 0.63 9.67
CA GLU A 16 23.79 2.05 9.98
C GLU A 16 22.59 2.22 10.91
N THR A 17 22.40 3.47 11.33
CA THR A 17 21.25 3.83 12.14
C THR A 17 20.24 4.52 11.24
N LEU A 18 18.99 4.07 11.33
CA LEU A 18 17.86 4.69 10.68
C LEU A 18 17.32 5.81 11.56
N SER A 19 17.08 6.98 10.98
N SER A 19 17.16 7.00 11.00
CA SER A 19 16.54 8.13 11.70
CA SER A 19 16.52 8.11 11.69
C SER A 19 15.33 8.68 10.96
C SER A 19 15.30 8.52 10.90
N LEU A 20 14.16 8.61 11.58
CA LEU A 20 12.92 9.10 10.99
C LEU A 20 12.33 10.21 11.85
N THR A 21 11.59 11.11 11.18
CA THR A 21 10.89 12.22 11.86
CA THR A 21 10.87 12.17 11.89
C THR A 21 9.42 12.17 11.47
N CYS A 22 8.56 12.54 12.41
CA CYS A 22 7.12 12.66 12.18
C CYS A 22 6.73 14.10 12.47
N SER A 23 6.28 14.82 11.44
CA SER A 23 5.83 16.20 11.59
C SER A 23 4.33 16.19 11.84
N VAL A 24 3.88 16.92 12.87
CA VAL A 24 2.51 16.82 13.36
C VAL A 24 1.83 18.18 13.22
N SER A 25 0.65 18.18 12.61
CA SER A 25 -0.22 19.35 12.51
C SER A 25 -1.61 19.03 13.07
N GLY A 26 -2.24 20.03 13.70
CA GLY A 26 -3.57 19.86 14.25
C GLY A 26 -3.65 19.15 15.57
N ALA A 27 -2.50 18.92 16.22
CA ALA A 27 -2.42 18.27 17.52
C ALA A 27 -1.05 18.61 18.09
N SER A 28 -0.92 18.52 19.40
CA SER A 28 0.34 18.84 20.06
C SER A 28 1.04 17.57 20.51
N VAL A 29 2.36 17.48 20.26
CA VAL A 29 3.11 16.33 20.77
C VAL A 29 3.27 16.34 22.28
N THR A 30 2.87 17.43 22.96
CA THR A 30 2.81 17.46 24.42
C THR A 30 1.64 16.69 25.00
N VAL A 31 0.71 16.22 24.18
CA VAL A 31 -0.53 15.60 24.63
C VAL A 31 -0.58 14.14 24.18
N ASP A 32 -1.13 13.29 25.04
CA ASP A 32 -1.45 11.88 24.73
C ASP A 32 -0.18 11.12 24.34
N TYR A 33 -0.27 10.20 23.38
CA TYR A 33 0.74 9.18 23.12
C TYR A 33 1.02 9.14 21.62
N TRP A 34 2.24 8.75 21.27
CA TRP A 34 2.69 8.77 19.88
C TRP A 34 3.46 7.49 19.65
N SER A 35 2.97 6.66 18.72
CA SER A 35 3.58 5.37 18.42
C SER A 35 4.30 5.40 17.08
N TRP A 36 5.21 4.46 16.91
CA TRP A 36 5.74 4.11 15.61
C TRP A 36 5.39 2.66 15.31
N ILE A 37 4.92 2.42 14.07
CA ILE A 37 4.50 1.13 13.55
C ILE A 37 5.30 0.88 12.27
N ARG A 38 5.56 -0.39 11.97
CA ARG A 38 6.07 -0.72 10.66
C ARG A 38 5.31 -1.90 10.05
N GLN A 39 5.35 -1.95 8.73
CA GLN A 39 4.55 -2.90 7.97
C GLN A 39 5.38 -3.54 6.88
N THR A 40 5.28 -4.87 6.77
CA THR A 40 5.83 -5.62 5.66
C THR A 40 4.80 -6.62 5.18
N PRO A 41 4.92 -7.11 3.93
CA PRO A 41 4.09 -8.23 3.48
C PRO A 41 4.16 -9.47 4.37
N GLU A 42 5.34 -9.84 4.84
CA GLU A 42 5.50 -11.13 5.51
C GLU A 42 5.11 -11.06 6.98
N ARG A 43 5.37 -9.95 7.64
CA ARG A 43 5.15 -9.88 9.05
C ARG A 43 3.88 -9.12 9.40
N GLY A 44 3.30 -8.39 8.43
CA GLY A 44 2.15 -7.56 8.74
C GLY A 44 2.54 -6.30 9.48
N LEU A 45 1.66 -5.89 10.38
CA LEU A 45 1.86 -4.68 11.15
C LEU A 45 2.53 -5.02 12.48
N GLU A 46 3.59 -4.29 12.81
CA GLU A 46 4.35 -4.50 14.04
C GLU A 46 4.49 -3.17 14.76
N TRP A 47 4.04 -3.11 16.01
CA TRP A 47 4.22 -1.93 16.82
C TRP A 47 5.65 -1.85 17.36
N ILE A 48 6.30 -0.73 17.13
CA ILE A 48 7.68 -0.55 17.56
C ILE A 48 7.75 -0.06 18.98
N GLY A 49 6.93 0.92 19.30
CA GLY A 49 6.97 1.53 20.62
C GLY A 49 6.17 2.81 20.61
N TYR A 50 6.02 3.38 21.81
CA TYR A 50 5.46 4.72 21.92
C TYR A 50 6.24 5.58 22.90
N ILE A 51 5.90 6.86 22.89
CA ILE A 51 6.30 7.81 23.93
C ILE A 51 5.05 8.48 24.45
N SER A 52 5.00 8.67 25.76
CA SER A 52 3.87 9.34 26.40
C SER A 52 4.16 10.80 26.64
N TYR A 53 3.09 11.52 27.03
CA TYR A 53 3.15 12.93 27.36
C TYR A 53 4.04 13.24 28.56
N THR A 54 4.41 12.24 29.35
CA THR A 54 5.41 12.45 30.40
C THR A 54 6.83 12.27 29.92
N GLY A 55 7.04 11.77 28.70
CA GLY A 55 8.36 11.39 28.26
C GLY A 55 8.67 9.93 28.45
N ARG A 56 7.79 9.18 29.11
CA ARG A 56 7.99 7.75 29.29
C ARG A 56 7.96 7.06 27.92
N THR A 57 8.94 6.22 27.68
CA THR A 57 8.99 5.42 26.46
C THR A 57 8.67 3.97 26.80
N ASN A 58 8.05 3.29 25.84
CA ASN A 58 7.59 1.92 25.98
C ASN A 58 7.86 1.25 24.63
N TYR A 59 8.87 0.37 24.60
CA TYR A 59 9.34 -0.24 23.35
C TYR A 59 9.01 -1.72 23.26
N ASN A 60 8.76 -2.18 22.04
CA ASN A 60 8.58 -3.60 21.82
C ASN A 60 9.87 -4.34 22.18
N PRO A 61 9.82 -5.36 23.04
CA PRO A 61 11.02 -6.15 23.34
C PRO A 61 11.66 -6.78 22.11
N SER A 62 10.93 -6.93 21.00
CA SER A 62 11.51 -7.45 19.78
C SER A 62 12.58 -6.53 19.18
N LEU A 63 12.58 -5.24 19.48
N LEU A 63 12.65 -5.29 19.72
CA LEU A 63 13.60 -4.43 18.79
CA LEU A 63 13.43 -4.17 19.22
C LEU A 63 14.96 -4.55 19.45
C LEU A 63 14.00 -3.27 20.32
N LYS A 64 15.08 -5.31 20.53
N LYS A 64 13.55 -3.41 21.58
CA LYS A 64 16.36 -5.69 21.14
CA LYS A 64 13.91 -2.48 22.66
C LYS A 64 17.19 -4.48 21.56
C LYS A 64 15.37 -2.03 22.61
N SER A 65 16.52 -3.46 22.09
N SER A 65 16.29 -2.98 22.47
CA SER A 65 17.16 -2.27 22.68
CA SER A 65 17.72 -2.68 22.53
C SER A 65 17.74 -1.33 21.64
C SER A 65 18.19 -1.70 21.46
N ARG A 66 17.45 -1.55 20.36
CA ARG A 66 17.93 -0.77 19.23
C ARG A 66 17.13 0.49 18.95
N VAL A 67 16.08 0.76 19.72
CA VAL A 67 15.14 1.82 19.35
C VAL A 67 15.20 2.95 20.36
N THR A 68 15.10 4.18 19.85
CA THR A 68 14.83 5.35 20.68
C THR A 68 13.69 6.14 20.05
N ILE A 69 12.72 6.53 20.87
CA ILE A 69 11.64 7.40 20.44
C ILE A 69 11.72 8.67 21.31
N SER A 70 11.60 9.82 20.67
CA SER A 70 11.67 11.08 21.39
C SER A 70 10.72 12.08 20.74
N THR A 71 10.46 13.18 21.46
CA THR A 71 9.68 14.27 20.92
C THR A 71 10.48 15.56 20.99
N ASP A 72 10.18 16.48 20.09
CA ASP A 72 10.75 17.82 20.09
C ASP A 72 9.55 18.76 20.15
N THR A 73 9.28 19.32 21.33
CA THR A 73 8.07 20.12 21.48
C THR A 73 8.17 21.43 20.71
N ALA A 74 9.37 21.98 20.58
CA ALA A 74 9.56 23.23 19.85
C ALA A 74 9.16 23.08 18.39
N LYS A 75 9.47 21.93 17.79
CA LYS A 75 9.18 21.68 16.39
C LYS A 75 7.88 20.90 16.20
N ASN A 76 7.22 20.49 17.29
CA ASN A 76 6.05 19.63 17.27
C ASN A 76 6.29 18.39 16.40
N GLN A 77 7.33 17.65 16.75
CA GLN A 77 7.76 16.49 15.99
C GLN A 77 8.00 15.32 16.92
N VAL A 78 7.86 14.11 16.36
CA VAL A 78 8.21 12.85 17.03
C VAL A 78 9.33 12.24 16.19
N SER A 79 10.28 11.59 16.84
CA SER A 79 11.38 10.97 16.10
C SER A 79 11.56 9.51 16.50
N LEU A 80 12.18 8.77 15.58
CA LEU A 80 12.54 7.37 15.80
C LEU A 80 13.98 7.17 15.34
N LYS A 81 14.78 6.52 16.18
CA LYS A 81 16.09 6.04 15.77
C LYS A 81 16.12 4.54 15.98
N LEU A 82 16.66 3.82 14.99
CA LEU A 82 16.80 2.36 15.04
C LEU A 82 18.23 2.01 14.64
N SER A 83 19.02 1.49 15.57
CA SER A 83 20.42 1.25 15.29
C SER A 83 20.64 -0.15 14.70
N SER A 84 21.85 -0.34 14.15
CA SER A 84 22.33 -1.63 13.64
C SER A 84 21.30 -2.30 12.73
N VAL A 85 20.89 -1.59 11.69
CA VAL A 85 19.82 -2.10 10.85
C VAL A 85 20.28 -3.26 9.98
N THR A 86 19.35 -4.14 9.68
CA THR A 86 19.55 -5.20 8.72
C THR A 86 18.37 -5.22 7.75
N ALA A 87 18.42 -6.15 6.79
CA ALA A 87 17.33 -6.34 5.85
C ALA A 87 16.00 -6.58 6.56
N ALA A 88 16.03 -7.15 7.77
CA ALA A 88 14.79 -7.40 8.49
C ALA A 88 14.08 -6.11 8.89
N ASP A 89 14.75 -4.96 8.78
CA ASP A 89 14.20 -3.67 9.13
C ASP A 89 13.64 -2.94 7.93
N THR A 90 13.73 -3.52 6.73
CA THR A 90 13.04 -2.94 5.59
C THR A 90 11.53 -3.02 5.82
N ALA A 91 10.84 -1.89 5.62
CA ALA A 91 9.41 -1.82 5.91
C ALA A 91 8.89 -0.44 5.54
N VAL A 92 7.56 -0.29 5.53
CA VAL A 92 6.94 1.02 5.58
C VAL A 92 6.76 1.36 7.06
N TYR A 93 7.22 2.55 7.44
CA TYR A 93 7.18 3.04 8.81
C TYR A 93 6.12 4.13 8.92
N TYR A 94 5.31 4.05 9.97
CA TYR A 94 4.25 5.02 10.23
C TYR A 94 4.40 5.57 11.65
N CYS A 95 4.10 6.85 11.81
CA CYS A 95 3.85 7.38 13.14
C CYS A 95 2.34 7.53 13.34
N THR A 96 1.90 7.38 14.59
CA THR A 96 0.48 7.45 14.92
C THR A 96 0.28 8.35 16.12
N ARG A 97 -0.89 9.00 16.13
CA ARG A 97 -1.40 9.71 17.28
C ARG A 97 -2.37 8.80 18.03
N ASP A 98 -2.01 8.46 19.27
CA ASP A 98 -2.78 7.51 20.09
C ASP A 98 -3.48 8.28 21.21
N ARG A 99 -4.79 8.07 21.32
N ARG A 99 -4.79 8.07 21.34
CA ARG A 99 -5.62 8.78 22.29
CA ARG A 99 -5.58 8.85 22.30
C ARG A 99 -5.46 8.20 23.69
C ARG A 99 -5.64 8.17 23.66
N SER A 100 -5.83 9.00 24.69
CA SER A 100 -5.73 8.60 26.10
C SER A 100 -7.10 8.42 26.74
N GLU A 101 -7.13 7.52 27.73
CA GLU A 101 -8.27 7.30 28.60
C GLU A 101 -7.72 7.39 30.02
N CYS A 102 -8.38 8.20 30.87
CA CYS A 102 -7.87 8.50 32.21
C CYS A 102 -9.00 8.28 33.19
N PRO A 103 -9.21 7.03 33.63
CA PRO A 103 -10.38 6.73 34.47
C PRO A 103 -10.45 7.52 35.78
N ASP A 104 -9.31 7.78 36.41
CA ASP A 104 -9.31 8.52 37.67
C ASP A 104 -7.89 8.80 38.12
N GLY A 105 -7.32 9.89 37.63
CA GLY A 105 -6.01 10.32 38.07
C GLY A 105 -4.84 9.71 37.35
N SER A 106 -5.08 8.86 36.36
CA SER A 106 -3.97 8.26 35.63
C SER A 106 -4.47 7.81 34.27
N CYS A 107 -3.57 7.81 33.28
CA CYS A 107 -3.95 7.60 31.89
C CYS A 107 -3.18 6.44 31.27
N PHE A 108 -3.82 5.87 30.25
CA PHE A 108 -3.21 4.92 29.34
C PHE A 108 -3.80 5.20 27.97
N ALA A 109 -3.17 4.65 26.94
CA ALA A 109 -3.71 4.80 25.59
C ALA A 109 -4.63 3.65 25.26
N TYR A 110 -5.48 3.85 24.24
CA TYR A 110 -6.44 2.84 23.83
C TYR A 110 -6.69 2.70 22.34
N VAL A 111 -6.12 3.57 21.48
CA VAL A 111 -6.41 3.51 20.05
C VAL A 111 -5.30 4.25 19.31
N MET A 112 -5.02 3.82 18.08
CA MET A 112 -4.16 4.57 17.17
C MET A 112 -5.11 5.33 16.25
N ALA A 113 -5.38 6.58 16.60
CA ALA A 113 -6.51 7.27 15.99
C ALA A 113 -6.21 7.80 14.60
N VAL A 114 -5.00 8.30 14.38
CA VAL A 114 -4.61 8.93 13.11
C VAL A 114 -3.21 8.42 12.79
N TRP A 115 -3.03 7.93 11.58
CA TRP A 115 -1.75 7.44 11.11
C TRP A 115 -1.19 8.44 10.09
N GLY A 116 0.12 8.55 10.05
CA GLY A 116 0.77 9.26 8.97
C GLY A 116 0.67 8.53 7.65
N HIS A 117 1.13 9.21 6.59
CA HIS A 117 1.10 8.62 5.27
C HIS A 117 2.06 7.44 5.12
N GLY A 118 3.10 7.40 5.93
CA GLY A 118 4.11 6.36 5.90
C GLY A 118 5.34 6.78 5.11
N THR A 119 6.47 6.19 5.46
CA THR A 119 7.71 6.37 4.71
C THR A 119 8.33 5.00 4.51
N THR A 120 8.77 4.72 3.28
CA THR A 120 9.26 3.41 2.89
C THR A 120 10.76 3.38 3.09
N VAL A 121 11.22 2.40 3.85
CA VAL A 121 12.63 2.28 4.23
C VAL A 121 13.14 0.95 3.73
N THR A 122 14.20 0.97 2.92
CA THR A 122 14.84 -0.24 2.44
C THR A 122 16.25 -0.28 2.98
N VAL A 123 16.61 -1.38 3.63
CA VAL A 123 17.97 -1.59 4.12
C VAL A 123 18.67 -2.46 3.10
N SER A 124 19.63 -1.89 2.40
CA SER A 124 20.30 -2.64 1.34
C SER A 124 21.68 -2.08 1.15
N SER A 125 22.59 -2.99 0.80
CA SER A 125 23.93 -2.57 0.41
C SER A 125 24.02 -2.12 -1.04
N ALA A 126 22.97 -2.33 -1.85
CA ALA A 126 23.01 -1.95 -3.25
C ALA A 126 22.97 -0.43 -3.40
N SER A 127 23.25 0.02 -4.62
N SER A 127 23.31 0.01 -4.61
CA SER A 127 23.30 1.45 -4.90
CA SER A 127 23.26 1.42 -4.89
C SER A 127 21.93 1.95 -5.36
C SER A 127 21.81 1.83 -5.12
N THR A 128 21.51 3.08 -4.81
CA THR A 128 20.26 3.70 -5.24
C THR A 128 20.40 4.04 -6.72
N LYS A 129 19.31 3.91 -7.47
CA LYS A 129 19.29 4.17 -8.92
C LYS A 129 17.92 4.70 -9.31
N GLY A 130 17.86 5.85 -10.00
CA GLY A 130 16.60 6.38 -10.48
C GLY A 130 16.10 5.65 -11.72
N PRO A 131 14.84 5.88 -12.06
CA PRO A 131 14.21 5.11 -13.13
C PRO A 131 14.46 5.69 -14.52
N SER A 132 14.39 4.81 -15.51
CA SER A 132 14.21 5.18 -16.90
C SER A 132 12.72 5.09 -17.21
N VAL A 133 12.20 6.08 -17.90
CA VAL A 133 10.77 6.14 -18.19
C VAL A 133 10.57 6.12 -19.70
N PHE A 134 9.83 5.12 -20.16
CA PHE A 134 9.57 4.94 -21.56
C PHE A 134 8.08 5.06 -21.83
N PRO A 135 7.71 5.62 -22.98
CA PRO A 135 6.28 5.75 -23.27
C PRO A 135 5.70 4.42 -23.68
N LEU A 136 4.47 4.19 -23.23
CA LEU A 136 3.57 3.18 -23.79
C LEU A 136 2.60 3.96 -24.68
N ALA A 137 2.96 4.10 -25.95
CA ALA A 137 2.31 5.10 -26.80
C ALA A 137 1.01 4.53 -27.38
N PRO A 138 -0.04 5.32 -27.41
CA PRO A 138 -1.25 4.88 -28.09
C PRO A 138 -1.07 5.00 -29.59
N SER A 139 -1.58 4.00 -30.31
CA SER A 139 -1.61 4.13 -31.77
C SER A 139 -2.62 5.21 -32.14
N SER A 140 -2.27 6.04 -33.13
CA SER A 140 -3.20 7.07 -33.58
C SER A 140 -4.49 6.47 -34.12
N LYS A 141 -4.44 5.22 -34.59
CA LYS A 141 -5.64 4.45 -34.89
C LYS A 141 -6.08 3.69 -33.64
N SER A 142 -7.38 3.65 -33.39
CA SER A 142 -7.93 2.81 -32.35
C SER A 142 -8.30 1.48 -32.98
N THR A 143 -8.02 0.38 -32.27
CA THR A 143 -8.58 -0.92 -32.61
C THR A 143 -9.48 -1.44 -31.50
N SER A 144 -10.01 -0.53 -30.66
CA SER A 144 -10.88 -0.82 -29.53
C SER A 144 -12.10 0.10 -29.52
N GLY A 145 -12.66 0.38 -30.70
CA GLY A 145 -13.93 1.08 -30.76
C GLY A 145 -13.91 2.52 -30.29
N GLY A 146 -12.77 3.22 -30.37
CA GLY A 146 -12.74 4.63 -30.04
C GLY A 146 -12.12 4.96 -28.69
N THR A 147 -11.72 3.96 -27.92
CA THR A 147 -10.96 4.18 -26.70
CA THR A 147 -10.96 4.18 -26.70
C THR A 147 -9.49 3.91 -26.97
N ALA A 148 -8.62 4.62 -26.27
CA ALA A 148 -7.18 4.40 -26.43
C ALA A 148 -6.56 4.16 -25.06
N ALA A 149 -5.61 3.24 -25.00
CA ALA A 149 -4.81 3.06 -23.80
C ALA A 149 -3.41 3.60 -24.04
N LEU A 150 -2.88 4.26 -23.03
CA LEU A 150 -1.53 4.80 -23.09
C LEU A 150 -0.92 4.68 -21.70
N GLY A 151 0.39 4.88 -21.59
CA GLY A 151 0.99 4.75 -20.29
C GLY A 151 2.46 5.10 -20.29
N CYS A 152 3.09 4.82 -19.16
CA CYS A 152 4.52 4.96 -19.00
CA CYS A 152 4.53 4.94 -19.05
C CYS A 152 5.07 3.71 -18.32
N LEU A 153 6.17 3.23 -18.85
CA LEU A 153 6.90 2.10 -18.31
C LEU A 153 8.07 2.68 -17.52
N VAL A 154 8.10 2.38 -16.22
CA VAL A 154 9.05 2.96 -15.28
C VAL A 154 10.00 1.85 -14.90
N LYS A 155 11.19 1.86 -15.51
CA LYS A 155 12.11 0.73 -15.51
C LYS A 155 13.38 0.96 -14.70
N ASP A 156 13.84 -0.11 -14.06
CA ASP A 156 15.22 -0.20 -13.58
C ASP A 156 15.57 0.81 -12.48
N TYR A 157 14.75 0.86 -11.44
CA TYR A 157 15.03 1.73 -10.32
C TYR A 157 15.28 0.91 -9.06
N PHE A 158 15.94 1.54 -8.08
CA PHE A 158 16.13 0.89 -6.80
C PHE A 158 16.37 1.95 -5.74
N PRO A 159 15.85 1.81 -4.54
CA PRO A 159 14.85 0.85 -4.07
C PRO A 159 13.44 1.32 -4.41
N GLU A 160 12.43 0.61 -3.91
CA GLU A 160 11.08 1.15 -3.89
C GLU A 160 11.05 2.36 -2.98
N PRO A 161 10.06 3.26 -3.13
CA PRO A 161 8.96 3.20 -4.10
C PRO A 161 9.04 4.31 -5.12
N VAL A 162 8.30 4.12 -6.21
N VAL A 162 8.23 4.13 -6.17
CA VAL A 162 7.94 5.24 -7.08
CA VAL A 162 7.93 5.13 -7.18
C VAL A 162 6.46 5.50 -6.92
C VAL A 162 6.44 5.46 -7.06
N THR A 163 6.09 6.74 -7.16
CA THR A 163 4.71 7.14 -7.33
C THR A 163 4.55 7.76 -8.71
N VAL A 164 3.36 7.62 -9.29
CA VAL A 164 3.05 8.14 -10.60
C VAL A 164 1.75 8.92 -10.54
N SER A 165 1.75 10.11 -11.12
CA SER A 165 0.52 10.85 -11.38
C SER A 165 0.47 11.15 -12.87
N TRP A 166 -0.68 11.63 -13.32
CA TRP A 166 -0.87 12.01 -14.72
C TRP A 166 -1.35 13.45 -14.76
N ASN A 167 -0.74 14.24 -15.64
CA ASN A 167 -1.10 15.65 -15.81
C ASN A 167 -1.13 16.37 -14.47
N SER A 168 -0.15 16.07 -13.64
CA SER A 168 0.03 16.71 -12.34
C SER A 168 -1.17 16.52 -11.42
N GLY A 169 -1.85 15.38 -11.54
CA GLY A 169 -3.00 15.06 -10.72
C GLY A 169 -4.34 15.39 -11.33
N ALA A 170 -4.36 16.06 -12.49
CA ALA A 170 -5.63 16.44 -13.09
C ALA A 170 -6.33 15.28 -13.77
N LEU A 171 -5.59 14.20 -14.06
CA LEU A 171 -6.12 13.01 -14.71
C LEU A 171 -6.04 11.86 -13.72
N THR A 172 -7.20 11.39 -13.26
CA THR A 172 -7.26 10.29 -12.30
C THR A 172 -8.20 9.20 -12.79
N SER A 173 -9.21 9.58 -13.58
CA SER A 173 -10.20 8.58 -14.00
C SER A 173 -9.56 7.63 -15.00
N GLY A 174 -9.69 6.33 -14.74
CA GLY A 174 -9.21 5.31 -15.65
C GLY A 174 -7.73 4.99 -15.52
N VAL A 175 -7.06 5.57 -14.53
CA VAL A 175 -5.64 5.30 -14.34
C VAL A 175 -5.46 4.00 -13.58
N HIS A 176 -4.52 3.18 -14.01
CA HIS A 176 -4.11 2.02 -13.24
C HIS A 176 -2.60 2.05 -13.11
N THR A 177 -2.10 2.21 -11.91
CA THR A 177 -0.67 2.12 -11.65
C THR A 177 -0.42 0.80 -10.97
N PHE A 178 0.34 -0.05 -11.62
CA PHE A 178 0.53 -1.41 -11.13
C PHE A 178 1.59 -1.49 -10.04
N PRO A 179 1.45 -2.47 -9.16
CA PRO A 179 2.54 -2.79 -8.24
C PRO A 179 3.80 -3.10 -9.00
N ALA A 180 4.92 -2.63 -8.46
CA ALA A 180 6.20 -2.95 -9.06
C ALA A 180 6.52 -4.43 -8.96
N VAL A 181 7.33 -4.88 -9.88
CA VAL A 181 7.92 -6.21 -9.82
C VAL A 181 9.42 -6.05 -9.64
N LEU A 182 10.02 -7.02 -8.95
CA LEU A 182 11.47 -7.15 -8.88
C LEU A 182 11.94 -7.97 -10.09
N GLN A 183 12.75 -7.34 -10.93
CA GLN A 183 13.21 -8.01 -12.13
C GLN A 183 14.40 -8.90 -11.78
N SER A 184 14.71 -9.83 -12.69
CA SER A 184 15.86 -10.72 -12.44
C SER A 184 17.18 -9.97 -12.27
N SER A 185 17.27 -8.73 -12.74
CA SER A 185 18.43 -7.86 -12.56
C SER A 185 18.53 -7.26 -11.16
N GLY A 186 17.53 -7.48 -10.29
CA GLY A 186 17.51 -6.89 -8.95
C GLY A 186 17.03 -5.46 -8.87
N LEU A 187 16.53 -4.92 -9.98
CA LEU A 187 15.95 -3.59 -10.06
C LEU A 187 14.45 -3.74 -10.26
N TYR A 188 13.72 -2.73 -9.82
CA TYR A 188 12.26 -2.74 -9.92
C TYR A 188 11.81 -2.15 -11.24
N SER A 189 10.60 -2.54 -11.64
CA SER A 189 9.92 -1.95 -12.79
C SER A 189 8.42 -1.92 -12.52
N LEU A 190 7.75 -0.90 -13.00
CA LEU A 190 6.29 -0.88 -12.98
C LEU A 190 5.79 -0.11 -14.19
N SER A 191 4.51 -0.26 -14.48
N SER A 191 4.51 -0.22 -14.45
CA SER A 191 3.84 0.53 -15.51
CA SER A 191 3.88 0.63 -15.43
C SER A 191 2.64 1.24 -14.90
C SER A 191 2.66 1.30 -14.83
N SER A 192 2.34 2.42 -15.44
CA SER A 192 1.12 3.14 -15.13
C SER A 192 0.43 3.39 -16.46
N VAL A 193 -0.87 3.07 -16.54
CA VAL A 193 -1.63 3.19 -17.77
C VAL A 193 -2.90 3.99 -17.49
N VAL A 194 -3.48 4.48 -18.59
CA VAL A 194 -4.76 5.17 -18.53
C VAL A 194 -5.48 4.94 -19.85
N THR A 195 -6.80 4.80 -19.78
CA THR A 195 -7.62 4.76 -20.98
C THR A 195 -8.30 6.10 -21.17
N VAL A 196 -8.30 6.57 -22.42
CA VAL A 196 -8.77 7.90 -22.79
C VAL A 196 -9.53 7.81 -24.11
N PRO A 197 -10.28 8.85 -24.44
CA PRO A 197 -10.93 8.89 -25.76
C PRO A 197 -9.87 8.96 -26.85
N SER A 198 -10.00 8.08 -27.86
CA SER A 198 -9.05 8.15 -28.96
C SER A 198 -9.15 9.50 -29.67
N SER A 199 -10.32 10.14 -29.61
CA SER A 199 -10.54 11.46 -30.21
C SER A 199 -9.75 12.57 -29.51
N SER A 200 -9.19 12.30 -28.35
CA SER A 200 -8.41 13.28 -27.60
C SER A 200 -6.92 13.27 -27.94
N LEU A 201 -6.46 12.27 -28.69
CA LEU A 201 -5.02 12.08 -28.82
C LEU A 201 -4.34 13.23 -29.57
N GLY A 202 -5.03 13.87 -30.51
CA GLY A 202 -4.41 14.98 -31.22
C GLY A 202 -4.32 16.28 -30.43
N THR A 203 -5.16 16.47 -29.41
CA THR A 203 -5.29 17.79 -28.79
C THR A 203 -5.00 17.82 -27.31
N GLN A 204 -5.16 16.72 -26.58
CA GLN A 204 -4.93 16.68 -25.15
C GLN A 204 -3.53 16.15 -24.88
N THR A 205 -2.74 16.91 -24.12
CA THR A 205 -1.43 16.44 -23.70
C THR A 205 -1.57 15.47 -22.52
N TYR A 206 -0.80 14.38 -22.57
CA TYR A 206 -0.75 13.40 -21.50
C TYR A 206 0.69 13.29 -21.03
N ILE A 207 0.93 13.64 -19.77
CA ILE A 207 2.27 13.59 -19.17
C ILE A 207 2.18 12.73 -17.93
N CYS A 208 3.07 11.74 -17.82
CA CYS A 208 3.18 11.02 -16.57
C CYS A 208 4.28 11.65 -15.72
N ASN A 209 3.98 11.80 -14.45
CA ASN A 209 4.87 12.43 -13.47
C ASN A 209 5.32 11.32 -12.53
N VAL A 210 6.61 10.98 -12.59
CA VAL A 210 7.16 9.86 -11.84
C VAL A 210 8.08 10.43 -10.78
N ASN A 211 7.85 10.09 -9.53
CA ASN A 211 8.68 10.53 -8.42
C ASN A 211 9.35 9.32 -7.80
N HIS A 212 10.66 9.40 -7.66
CA HIS A 212 11.50 8.39 -6.99
C HIS A 212 12.26 9.10 -5.88
N LYS A 213 11.59 9.29 -4.76
CA LYS A 213 12.21 10.04 -3.66
C LYS A 213 13.54 9.44 -3.23
N PRO A 214 13.72 8.12 -3.18
CA PRO A 214 15.01 7.59 -2.70
C PRO A 214 16.23 8.09 -3.45
N SER A 215 16.12 8.37 -4.75
CA SER A 215 17.21 8.88 -5.56
C SER A 215 17.09 10.39 -5.82
N ASN A 216 16.10 11.03 -5.21
CA ASN A 216 15.84 12.45 -5.42
C ASN A 216 15.66 12.77 -6.89
N THR A 217 14.92 11.92 -7.59
CA THR A 217 14.71 12.05 -9.02
C THR A 217 13.22 12.14 -9.32
N LYS A 218 12.86 13.04 -10.22
N LYS A 218 12.85 13.13 -10.12
CA LYS A 218 11.49 13.17 -10.71
CA LYS A 218 11.53 13.17 -10.74
C LYS A 218 11.52 13.30 -12.23
C LYS A 218 11.71 13.08 -12.25
N VAL A 219 10.77 12.42 -12.91
CA VAL A 219 10.75 12.34 -14.37
C VAL A 219 9.34 12.69 -14.83
N ASP A 220 9.24 13.64 -15.78
CA ASP A 220 7.98 13.96 -16.44
C ASP A 220 8.14 13.57 -17.90
N LYS A 221 7.26 12.71 -18.40
CA LYS A 221 7.33 12.17 -19.75
C LYS A 221 6.01 12.45 -20.48
N LYS A 222 6.06 13.22 -21.55
CA LYS A 222 4.91 13.42 -22.41
C LYS A 222 4.81 12.21 -23.32
N VAL A 223 3.62 11.61 -23.37
CA VAL A 223 3.38 10.37 -24.11
C VAL A 223 2.59 10.76 -25.35
N GLU A 224 3.25 10.68 -26.52
CA GLU A 224 2.61 11.16 -27.73
C GLU A 224 2.09 9.98 -28.55
N PRO A 225 1.05 10.20 -29.35
CA PRO A 225 0.55 9.12 -30.20
C PRO A 225 1.50 8.81 -31.33
N LYS A 226 1.47 7.56 -31.77
CA LYS A 226 2.33 7.07 -32.83
C LYS A 226 1.55 7.08 -34.14
N SER A 227 2.24 7.42 -35.23
CA SER A 227 1.62 7.48 -36.55
C SER A 227 1.59 6.09 -37.18
N ASP B 1 3.59 -12.19 24.57
CA ASP B 1 2.77 -11.19 23.84
C ASP B 1 1.40 -11.76 23.57
N ILE B 2 0.37 -10.91 23.50
CA ILE B 2 -0.95 -11.38 23.10
C ILE B 2 -0.95 -11.66 21.61
N VAL B 3 -1.44 -12.85 21.24
CA VAL B 3 -1.55 -13.28 19.85
C VAL B 3 -2.96 -13.00 19.35
N MET B 4 -3.04 -12.30 18.22
CA MET B 4 -4.30 -11.97 17.58
C MET B 4 -4.43 -12.75 16.28
N THR B 5 -5.53 -13.48 16.12
CA THR B 5 -5.77 -14.31 14.96
C THR B 5 -7.08 -13.96 14.30
N GLN B 6 -7.05 -13.66 13.01
CA GLN B 6 -8.25 -13.33 12.26
C GLN B 6 -8.69 -14.51 11.40
N SER B 7 -10.01 -14.57 11.17
CA SER B 7 -10.62 -15.56 10.31
C SER B 7 -11.86 -14.95 9.67
N PRO B 8 -12.10 -15.17 8.38
CA PRO B 8 -11.20 -15.85 7.43
C PRO B 8 -10.06 -14.93 7.08
N GLU B 9 -9.08 -15.45 6.33
CA GLU B 9 -8.04 -14.58 5.79
C GLU B 9 -8.51 -13.78 4.59
N SER B 10 -9.48 -14.29 3.82
CA SER B 10 -10.08 -13.55 2.74
C SER B 10 -11.55 -13.92 2.62
N LEU B 11 -12.35 -12.96 2.16
CA LEU B 11 -13.76 -13.24 1.91
C LEU B 11 -14.22 -12.39 0.75
N ALA B 12 -15.28 -12.83 0.11
CA ALA B 12 -15.85 -12.12 -1.01
C ALA B 12 -17.34 -12.34 -0.97
N VAL B 13 -18.09 -11.25 -1.03
CA VAL B 13 -19.55 -11.32 -1.04
C VAL B 13 -20.07 -10.31 -2.04
N SER B 14 -21.30 -10.55 -2.50
CA SER B 14 -21.91 -9.65 -3.45
C SER B 14 -22.22 -8.29 -2.84
N LEU B 15 -22.35 -7.31 -3.73
CA LEU B 15 -22.66 -5.96 -3.31
C LEU B 15 -23.98 -5.94 -2.53
N GLY B 16 -23.93 -5.32 -1.35
CA GLY B 16 -25.08 -5.21 -0.48
C GLY B 16 -25.27 -6.35 0.49
N GLU B 17 -24.46 -7.40 0.41
CA GLU B 17 -24.55 -8.50 1.35
C GLU B 17 -23.74 -8.23 2.61
N ARG B 18 -24.02 -9.04 3.63
CA ARG B 18 -23.33 -8.96 4.91
CA ARG B 18 -23.34 -8.95 4.91
C ARG B 18 -21.97 -9.62 4.84
N ALA B 19 -20.97 -8.98 5.45
CA ALA B 19 -19.64 -9.53 5.58
C ALA B 19 -19.26 -9.50 7.06
N THR B 20 -18.71 -10.61 7.56
CA THR B 20 -18.29 -10.76 8.94
CA THR B 20 -18.26 -10.67 8.94
C THR B 20 -16.82 -11.16 8.99
N ILE B 21 -16.06 -10.53 9.88
CA ILE B 21 -14.65 -10.86 10.12
C ILE B 21 -14.47 -11.13 11.60
N ASN B 22 -13.84 -12.25 11.92
CA ASN B 22 -13.64 -12.65 13.30
C ASN B 22 -12.19 -12.38 13.69
N CYS B 23 -12.01 -11.99 14.94
CA CYS B 23 -10.70 -11.76 15.53
C CYS B 23 -10.70 -12.38 16.91
N LYS B 24 -9.74 -13.27 17.17
CA LYS B 24 -9.60 -13.90 18.47
C LYS B 24 -8.24 -13.55 19.07
N SER B 25 -8.23 -13.35 20.38
CA SER B 25 -7.01 -13.15 21.14
C SER B 25 -6.79 -14.35 22.05
N ASN B 26 -5.56 -14.54 22.52
CA ASN B 26 -5.29 -15.61 23.46
C ASN B 26 -5.24 -15.15 24.91
N GLN B 27 -5.72 -13.95 25.18
CA GLN B 27 -5.88 -13.43 26.52
C GLN B 27 -7.05 -12.45 26.47
N SER B 28 -7.93 -12.53 27.46
CA SER B 28 -9.05 -11.59 27.51
C SER B 28 -8.56 -10.15 27.43
N LEU B 29 -9.28 -9.35 26.63
CA LEU B 29 -8.99 -7.93 26.48
C LEU B 29 -9.92 -7.06 27.32
N LEU B 30 -10.68 -7.65 28.25
CA LEU B 30 -11.63 -6.91 29.09
C LEU B 30 -10.89 -6.39 30.31
N TYR B 31 -10.90 -5.07 30.49
CA TYR B 31 -10.29 -4.41 31.64
C TYR B 31 -11.42 -4.17 32.64
N SER B 32 -11.38 -4.86 33.78
CA SER B 32 -12.51 -4.84 34.69
C SER B 32 -12.80 -3.44 35.23
N SER B 33 -11.76 -2.63 35.44
CA SER B 33 -11.94 -1.30 36.03
C SER B 33 -12.83 -0.41 35.18
N THR B 34 -12.70 -0.47 33.85
CA THR B 34 -13.57 0.32 32.98
C THR B 34 -14.68 -0.48 32.34
N ASN B 35 -14.65 -1.81 32.43
CA ASN B 35 -15.61 -2.69 31.77
C ASN B 35 -15.64 -2.46 30.26
N LYS B 36 -14.47 -2.18 29.68
CA LYS B 36 -14.32 -2.07 28.23
C LYS B 36 -13.34 -3.12 27.73
N ASN B 37 -13.56 -3.54 26.49
CA ASN B 37 -12.63 -4.40 25.76
C ASN B 37 -11.73 -3.53 24.88
N TYR B 38 -10.42 -3.72 25.01
CA TYR B 38 -9.43 -2.88 24.36
C TYR B 38 -9.01 -3.48 23.01
N LEU B 39 -9.98 -3.45 22.11
CA LEU B 39 -9.90 -4.03 20.77
C LEU B 39 -10.25 -2.96 19.73
N VAL B 40 -9.41 -2.86 18.70
CA VAL B 40 -9.55 -1.84 17.66
C VAL B 40 -9.63 -2.53 16.31
N TRP B 41 -10.42 -1.96 15.39
CA TRP B 41 -10.52 -2.39 14.01
C TRP B 41 -10.09 -1.24 13.10
N TYR B 42 -9.23 -1.56 12.12
CA TYR B 42 -8.79 -0.65 11.08
C TYR B 42 -9.05 -1.27 9.72
N LEU B 43 -9.13 -0.45 8.69
CA LEU B 43 -9.02 -0.95 7.34
CA LEU B 43 -9.06 -0.92 7.32
C LEU B 43 -7.89 -0.23 6.62
N GLN B 44 -7.36 -0.88 5.60
CA GLN B 44 -6.29 -0.30 4.80
C GLN B 44 -6.53 -0.57 3.32
N LYS B 45 -6.53 0.51 2.55
CA LYS B 45 -6.63 0.48 1.10
C LYS B 45 -5.26 0.74 0.49
N PRO B 46 -5.02 0.30 -0.75
CA PRO B 46 -3.65 0.33 -1.30
C PRO B 46 -3.08 1.74 -1.37
N GLY B 47 -1.79 1.83 -1.06
CA GLY B 47 -1.08 3.10 -1.06
C GLY B 47 -1.44 4.01 0.09
N GLN B 48 -2.24 3.54 1.04
CA GLN B 48 -2.74 4.36 2.12
C GLN B 48 -2.40 3.71 3.46
N PRO B 49 -2.31 4.50 4.53
CA PRO B 49 -2.16 3.93 5.86
C PRO B 49 -3.47 3.30 6.33
N PRO B 50 -3.39 2.44 7.32
CA PRO B 50 -4.62 2.00 7.99
C PRO B 50 -5.41 3.19 8.50
N LYS B 51 -6.73 3.01 8.52
CA LYS B 51 -7.66 4.02 9.01
C LYS B 51 -8.56 3.42 10.09
N LEU B 52 -8.81 4.19 11.14
CA LEU B 52 -9.59 3.69 12.27
C LEU B 52 -11.07 3.53 11.92
N LEU B 53 -11.64 2.40 12.34
CA LEU B 53 -13.07 2.12 12.20
C LEU B 53 -13.80 2.06 13.53
N ILE B 54 -13.31 1.24 14.45
CA ILE B 54 -14.01 0.88 15.68
C ILE B 54 -12.97 0.82 16.79
N TYR B 55 -13.30 1.32 17.96
CA TYR B 55 -12.44 1.13 19.13
C TYR B 55 -13.29 0.72 20.33
N TRP B 56 -12.62 0.39 21.43
CA TRP B 56 -13.27 -0.25 22.57
C TRP B 56 -14.22 -1.34 22.10
N ALA B 57 -13.79 -2.10 21.11
CA ALA B 57 -14.54 -3.20 20.50
C ALA B 57 -15.80 -2.83 19.72
N SER B 58 -16.55 -1.80 20.15
CA SER B 58 -17.87 -1.56 19.56
C SER B 58 -18.20 -0.09 19.33
N THR B 59 -17.32 0.84 19.68
CA THR B 59 -17.56 2.26 19.43
C THR B 59 -17.05 2.64 18.04
N ARG B 60 -17.97 3.13 17.20
CA ARG B 60 -17.61 3.54 15.85
C ARG B 60 -16.98 4.92 15.87
N GLU B 61 -15.90 5.07 15.11
CA GLU B 61 -15.28 6.38 14.97
C GLU B 61 -16.13 7.30 14.09
N SER B 62 -16.03 8.59 14.37
CA SER B 62 -16.76 9.58 13.60
C SER B 62 -16.34 9.55 12.14
N GLY B 63 -17.31 9.78 11.25
CA GLY B 63 -17.08 9.73 9.83
C GLY B 63 -17.15 8.34 9.20
N VAL B 64 -17.18 7.28 10.00
CA VAL B 64 -17.27 5.93 9.46
C VAL B 64 -18.73 5.62 9.16
N PRO B 65 -19.06 5.03 8.01
CA PRO B 65 -20.47 4.72 7.73
C PRO B 65 -21.11 3.74 8.71
N ASP B 66 -22.43 3.85 8.80
CA ASP B 66 -23.19 3.09 9.79
C ASP B 66 -23.11 1.59 9.56
N ARG B 67 -22.86 1.17 8.33
CA ARG B 67 -22.83 -0.25 8.02
C ARG B 67 -21.69 -0.99 8.72
N PHE B 68 -20.71 -0.29 9.28
CA PHE B 68 -19.64 -0.93 10.05
C PHE B 68 -20.02 -0.99 11.52
N SER B 69 -19.95 -2.18 12.11
N SER B 69 -19.92 -2.18 12.12
CA SER B 69 -20.17 -2.34 13.54
CA SER B 69 -20.17 -2.34 13.55
C SER B 69 -19.26 -3.43 14.09
C SER B 69 -19.28 -3.44 14.10
N GLY B 70 -18.91 -3.27 15.37
CA GLY B 70 -18.08 -4.24 16.07
C GLY B 70 -18.82 -4.80 17.27
N SER B 71 -18.54 -6.07 17.57
CA SER B 71 -19.15 -6.73 18.72
C SER B 71 -18.15 -7.69 19.31
N GLY B 72 -18.53 -8.28 20.44
CA GLY B 72 -17.73 -9.31 21.09
C GLY B 72 -17.17 -8.83 22.41
N SER B 73 -16.58 -9.77 23.13
CA SER B 73 -16.04 -9.51 24.45
C SER B 73 -15.03 -10.58 24.80
N GLY B 74 -14.09 -10.22 25.67
CA GLY B 74 -13.12 -11.19 26.18
C GLY B 74 -12.05 -11.51 25.15
N THR B 75 -12.23 -12.61 24.43
CA THR B 75 -11.25 -13.09 23.47
C THR B 75 -11.80 -13.27 22.05
N ASP B 76 -13.07 -12.97 21.81
CA ASP B 76 -13.73 -13.26 20.54
C ASP B 76 -14.51 -12.04 20.08
N PHE B 77 -14.10 -11.48 18.95
CA PHE B 77 -14.63 -10.21 18.46
C PHE B 77 -14.98 -10.35 16.99
N THR B 78 -15.92 -9.53 16.54
CA THR B 78 -16.43 -9.60 15.17
C THR B 78 -16.64 -8.20 14.64
N LEU B 79 -16.19 -7.96 13.42
CA LEU B 79 -16.55 -6.77 12.67
C LEU B 79 -17.58 -7.18 11.65
N THR B 80 -18.71 -6.48 11.62
CA THR B 80 -19.75 -6.74 10.65
C THR B 80 -19.88 -5.54 9.74
N ILE B 81 -19.95 -5.80 8.44
CA ILE B 81 -20.34 -4.82 7.44
C ILE B 81 -21.69 -5.28 6.96
N SER B 82 -22.74 -4.54 7.33
CA SER B 82 -24.10 -5.04 7.13
C SER B 82 -24.48 -5.15 5.67
N SER B 83 -23.89 -4.28 4.82
CA SER B 83 -24.24 -4.21 3.40
C SER B 83 -22.97 -3.77 2.67
N LEU B 84 -22.22 -4.72 2.12
CA LEU B 84 -20.90 -4.40 1.57
C LEU B 84 -21.02 -3.51 0.34
N GLN B 85 -20.29 -2.39 0.33
CA GLN B 85 -20.27 -1.48 -0.79
C GLN B 85 -18.95 -1.60 -1.54
N ALA B 86 -18.98 -1.14 -2.79
CA ALA B 86 -17.80 -1.31 -3.65
C ALA B 86 -16.58 -0.66 -3.04
N GLU B 87 -16.73 0.51 -2.42
CA GLU B 87 -15.62 1.24 -1.83
C GLU B 87 -15.06 0.59 -0.57
N ASP B 88 -15.70 -0.46 -0.05
CA ASP B 88 -15.27 -1.08 1.19
C ASP B 88 -14.18 -2.13 1.00
N VAL B 89 -13.79 -2.44 -0.25
CA VAL B 89 -12.79 -3.48 -0.46
C VAL B 89 -11.47 -2.97 0.08
N ALA B 90 -10.80 -3.79 0.89
CA ALA B 90 -9.66 -3.35 1.69
C ALA B 90 -9.18 -4.56 2.47
N VAL B 91 -8.06 -4.39 3.17
CA VAL B 91 -7.61 -5.34 4.17
C VAL B 91 -8.00 -4.81 5.52
N TYR B 92 -8.67 -5.64 6.30
CA TYR B 92 -9.15 -5.23 7.62
C TYR B 92 -8.32 -5.88 8.71
N TYR B 93 -7.94 -5.12 9.72
CA TYR B 93 -7.06 -5.58 10.78
C TYR B 93 -7.70 -5.31 12.14
N CYS B 94 -7.56 -6.26 13.05
CA CYS B 94 -7.80 -6.01 14.45
C CYS B 94 -6.48 -5.77 15.19
N GLN B 95 -6.59 -5.14 16.35
CA GLN B 95 -5.44 -4.80 17.17
C GLN B 95 -5.89 -4.78 18.62
N GLN B 96 -5.09 -5.38 19.47
CA GLN B 96 -5.30 -5.23 20.91
C GLN B 96 -4.47 -4.07 21.44
N TYR B 97 -5.14 -3.17 22.17
CA TYR B 97 -4.48 -2.05 22.82
C TYR B 97 -4.64 -2.24 24.32
N TYR B 98 -4.33 -3.44 24.79
CA TYR B 98 -4.63 -3.87 26.16
C TYR B 98 -3.37 -4.06 26.99
N LEU B 99 -2.37 -4.77 26.44
CA LEU B 99 -1.16 -5.12 27.18
C LEU B 99 0.01 -4.99 26.23
N SER B 100 1.06 -4.29 26.66
CA SER B 100 2.25 -4.14 25.82
C SER B 100 3.01 -5.46 25.74
N PRO B 101 3.64 -5.73 24.60
CA PRO B 101 3.65 -4.92 23.40
C PRO B 101 2.33 -5.03 22.66
N LEU B 102 1.89 -3.94 22.05
CA LEU B 102 0.67 -3.94 21.28
C LEU B 102 0.83 -4.82 20.06
N THR B 103 -0.22 -5.52 19.68
CA THR B 103 -0.13 -6.51 18.62
C THR B 103 -1.38 -6.48 17.74
N PHE B 104 -1.16 -6.81 16.47
CA PHE B 104 -2.17 -6.79 15.43
C PHE B 104 -2.48 -8.20 14.94
N GLY B 105 -3.71 -8.37 14.48
CA GLY B 105 -4.04 -9.51 13.66
C GLY B 105 -3.39 -9.40 12.29
N GLY B 106 -3.43 -10.50 11.54
CA GLY B 106 -2.72 -10.58 10.28
C GLY B 106 -3.46 -10.06 9.08
N GLY B 107 -4.69 -9.58 9.27
CA GLY B 107 -5.48 -8.99 8.22
C GLY B 107 -6.43 -9.96 7.57
N THR B 108 -7.58 -9.43 7.10
CA THR B 108 -8.55 -10.13 6.29
C THR B 108 -8.83 -9.31 5.04
N THR B 109 -8.65 -9.93 3.87
CA THR B 109 -8.93 -9.24 2.64
C THR B 109 -10.42 -9.38 2.31
N VAL B 110 -11.09 -8.25 2.10
CA VAL B 110 -12.51 -8.21 1.80
C VAL B 110 -12.67 -7.77 0.35
N GLU B 111 -13.38 -8.56 -0.44
CA GLU B 111 -13.57 -8.31 -1.85
C GLU B 111 -15.04 -8.44 -2.22
N ILE B 112 -15.39 -7.83 -3.33
CA ILE B 112 -16.73 -7.89 -3.89
C ILE B 112 -16.80 -9.02 -4.91
N LYS B 113 -17.87 -9.83 -4.85
CA LYS B 113 -18.23 -10.74 -5.92
C LYS B 113 -19.17 -10.00 -6.87
N ARG B 114 -18.75 -9.85 -8.13
CA ARG B 114 -19.54 -9.18 -9.14
C ARG B 114 -19.66 -10.10 -10.35
N THR B 115 -20.36 -9.64 -11.39
CA THR B 115 -20.51 -10.46 -12.58
C THR B 115 -19.20 -10.51 -13.37
N VAL B 116 -19.05 -11.59 -14.11
CA VAL B 116 -17.90 -11.74 -15.00
C VAL B 116 -17.83 -10.53 -15.93
N ALA B 117 -16.61 -10.03 -16.15
CA ALA B 117 -16.39 -8.93 -17.07
C ALA B 117 -15.14 -9.25 -17.87
N ALA B 118 -15.26 -9.28 -19.19
CA ALA B 118 -14.10 -9.66 -19.97
C ALA B 118 -13.12 -8.48 -20.04
N PRO B 119 -11.84 -8.75 -20.09
CA PRO B 119 -10.89 -7.62 -20.16
C PRO B 119 -10.90 -6.98 -21.52
N SER B 120 -10.63 -5.67 -21.53
CA SER B 120 -10.17 -4.98 -22.72
C SER B 120 -8.67 -5.19 -22.80
N VAL B 121 -8.21 -5.78 -23.89
CA VAL B 121 -6.82 -6.21 -24.02
C VAL B 121 -6.11 -5.30 -25.01
N PHE B 122 -4.99 -4.73 -24.58
CA PHE B 122 -4.17 -3.85 -25.38
C PHE B 122 -2.74 -4.38 -25.35
N ILE B 123 -2.03 -4.22 -26.47
CA ILE B 123 -0.65 -4.68 -26.57
C ILE B 123 0.21 -3.52 -27.05
N PHE B 124 1.34 -3.32 -26.38
CA PHE B 124 2.25 -2.21 -26.67
C PHE B 124 3.59 -2.76 -27.15
N PRO B 125 4.01 -2.48 -28.38
CA PRO B 125 5.40 -2.75 -28.77
C PRO B 125 6.37 -1.96 -27.91
N PRO B 126 7.63 -2.36 -27.88
CA PRO B 126 8.63 -1.53 -27.22
C PRO B 126 8.77 -0.19 -27.92
N SER B 127 9.08 0.82 -27.12
CA SER B 127 9.32 2.15 -27.69
C SER B 127 10.66 2.18 -28.43
N ASP B 128 10.73 3.01 -29.45
CA ASP B 128 12.01 3.18 -30.13
C ASP B 128 13.06 3.69 -29.16
N GLU B 129 12.66 4.55 -28.21
CA GLU B 129 13.59 5.04 -27.21
C GLU B 129 14.24 3.90 -26.45
N GLN B 130 13.45 2.91 -26.04
CA GLN B 130 14.02 1.80 -25.29
C GLN B 130 14.92 0.95 -26.18
N LEU B 131 14.52 0.73 -27.43
CA LEU B 131 15.26 -0.18 -28.27
C LEU B 131 16.68 0.32 -28.48
N LYS B 132 16.87 1.63 -28.50
CA LYS B 132 18.21 2.18 -28.67
C LYS B 132 19.20 1.60 -27.66
N SER B 133 18.72 1.13 -26.52
CA SER B 133 19.56 0.74 -25.41
C SER B 133 19.69 -0.78 -25.24
N GLY B 134 19.22 -1.58 -26.20
CA GLY B 134 19.53 -2.99 -26.24
C GLY B 134 18.48 -3.95 -25.72
N THR B 135 17.42 -3.45 -25.09
CA THR B 135 16.38 -4.30 -24.52
C THR B 135 15.04 -3.86 -25.08
N ALA B 136 14.15 -4.83 -25.24
CA ALA B 136 12.78 -4.59 -25.68
C ALA B 136 11.82 -5.12 -24.63
N SER B 137 10.96 -4.26 -24.11
CA SER B 137 9.88 -4.68 -23.23
C SER B 137 8.57 -4.58 -24.01
N VAL B 138 7.85 -5.69 -24.11
CA VAL B 138 6.54 -5.72 -24.77
C VAL B 138 5.50 -5.88 -23.69
N VAL B 139 4.47 -5.03 -23.71
CA VAL B 139 3.53 -4.95 -22.60
C VAL B 139 2.13 -5.34 -23.07
N CYS B 140 1.51 -6.23 -22.33
CA CYS B 140 0.13 -6.63 -22.56
C CYS B 140 -0.68 -6.14 -21.38
N LEU B 141 -1.75 -5.43 -21.67
CA LEU B 141 -2.62 -4.84 -20.66
C LEU B 141 -3.99 -5.49 -20.72
N LEU B 142 -4.44 -6.03 -19.60
CA LEU B 142 -5.81 -6.52 -19.41
C LEU B 142 -6.53 -5.52 -18.52
N ASN B 143 -7.45 -4.75 -19.11
CA ASN B 143 -8.09 -3.66 -18.38
C ASN B 143 -9.50 -4.04 -17.91
N ASN B 144 -9.72 -3.88 -16.61
CA ASN B 144 -11.05 -3.86 -15.99
C ASN B 144 -11.82 -5.17 -16.23
N PHE B 145 -11.35 -6.23 -15.60
CA PHE B 145 -11.94 -7.54 -15.80
C PHE B 145 -12.28 -8.16 -14.45
N TYR B 146 -13.10 -9.23 -14.51
CA TYR B 146 -13.45 -10.02 -13.34
C TYR B 146 -13.83 -11.41 -13.80
N PRO B 147 -13.45 -12.46 -13.08
CA PRO B 147 -12.69 -12.51 -11.83
C PRO B 147 -11.19 -12.24 -12.07
N ARG B 148 -10.42 -12.22 -10.99
CA ARG B 148 -8.99 -11.91 -11.08
C ARG B 148 -8.20 -13.00 -11.81
N GLU B 149 -8.63 -14.26 -11.72
N GLU B 149 -8.59 -14.26 -11.66
CA GLU B 149 -7.84 -15.38 -12.22
CA GLU B 149 -7.82 -15.36 -12.22
C GLU B 149 -7.86 -15.43 -13.74
C GLU B 149 -7.86 -15.28 -13.74
N ALA B 150 -6.68 -15.36 -14.34
CA ALA B 150 -6.54 -15.32 -15.80
C ALA B 150 -5.19 -15.96 -16.14
N LYS B 151 -5.14 -16.64 -17.28
CA LYS B 151 -3.91 -17.20 -17.81
C LYS B 151 -3.48 -16.30 -18.97
N VAL B 152 -2.29 -15.73 -18.88
CA VAL B 152 -1.74 -14.85 -19.89
C VAL B 152 -0.45 -15.45 -20.43
N GLN B 153 -0.42 -15.72 -21.73
CA GLN B 153 0.72 -16.34 -22.40
C GLN B 153 1.18 -15.48 -23.56
N TRP B 154 2.46 -15.52 -23.82
CA TRP B 154 3.07 -14.81 -24.93
C TRP B 154 3.49 -15.76 -26.03
N LYS B 155 3.25 -15.38 -27.28
CA LYS B 155 3.76 -16.10 -28.43
C LYS B 155 4.52 -15.16 -29.33
N VAL B 156 5.68 -15.59 -29.82
CA VAL B 156 6.53 -14.83 -30.72
C VAL B 156 6.71 -15.66 -32.00
N ASP B 157 6.20 -15.16 -33.12
CA ASP B 157 6.13 -15.98 -34.35
C ASP B 157 5.59 -17.37 -34.05
N ASN B 158 4.54 -17.43 -33.23
CA ASN B 158 3.81 -18.62 -32.83
C ASN B 158 4.58 -19.52 -31.86
N ALA B 159 5.77 -19.13 -31.42
CA ALA B 159 6.51 -19.88 -30.40
C ALA B 159 6.03 -19.46 -29.01
N LEU B 160 5.44 -20.39 -28.28
CA LEU B 160 5.09 -20.14 -26.88
C LEU B 160 6.34 -19.79 -26.08
N GLN B 161 6.27 -18.68 -25.35
CA GLN B 161 7.37 -18.19 -24.54
C GLN B 161 7.26 -18.72 -23.11
N SER B 162 8.44 -18.89 -22.50
CA SER B 162 8.52 -19.30 -21.10
C SER B 162 9.74 -18.67 -20.46
N GLY B 163 9.54 -18.17 -19.24
CA GLY B 163 10.63 -17.71 -18.42
C GLY B 163 11.02 -16.25 -18.59
N ASN B 164 10.42 -15.55 -19.56
CA ASN B 164 10.84 -14.19 -19.89
C ASN B 164 9.71 -13.16 -19.76
N SER B 165 8.72 -13.43 -18.94
CA SER B 165 7.68 -12.44 -18.66
C SER B 165 7.41 -12.37 -17.18
N GLN B 166 6.87 -11.23 -16.76
CA GLN B 166 6.42 -11.03 -15.40
C GLN B 166 5.08 -10.30 -15.42
N GLU B 167 4.23 -10.64 -14.46
CA GLU B 167 2.90 -10.10 -14.34
C GLU B 167 2.75 -9.26 -13.07
N SER B 168 1.85 -8.29 -13.16
CA SER B 168 1.45 -7.51 -12.03
C SER B 168 -0.05 -7.23 -12.11
N VAL B 169 -0.72 -7.32 -10.98
N VAL B 169 -0.71 -7.31 -10.98
CA VAL B 169 -2.17 -7.14 -10.92
CA VAL B 169 -2.17 -7.14 -10.93
C VAL B 169 -2.50 -6.04 -9.92
C VAL B 169 -2.54 -6.10 -9.88
N THR B 170 -3.53 -5.27 -10.22
CA THR B 170 -4.03 -4.28 -9.28
C THR B 170 -4.90 -4.91 -8.20
N GLU B 171 -5.14 -4.15 -7.14
N GLU B 171 -5.12 -4.11 -7.15
CA GLU B 171 -6.17 -4.58 -6.21
CA GLU B 171 -6.19 -4.35 -6.19
C GLU B 171 -7.53 -4.12 -6.73
C GLU B 171 -7.53 -4.32 -6.91
N GLN B 172 -8.57 -4.76 -6.20
CA GLN B 172 -9.91 -4.58 -6.74
C GLN B 172 -10.31 -3.10 -6.76
N ASP B 173 -10.89 -2.68 -7.89
CA ASP B 173 -11.27 -1.28 -8.04
C ASP B 173 -12.38 -0.88 -7.09
N SER B 174 -12.25 0.31 -6.49
CA SER B 174 -13.21 0.76 -5.48
C SER B 174 -14.54 1.21 -6.08
N LYS B 175 -14.63 1.36 -7.39
CA LYS B 175 -15.89 1.77 -8.04
C LYS B 175 -16.57 0.65 -8.82
N ASP B 176 -15.86 -0.01 -9.73
CA ASP B 176 -16.48 -1.03 -10.57
C ASP B 176 -16.10 -2.45 -10.18
N SER B 177 -15.31 -2.63 -9.11
CA SER B 177 -15.01 -3.93 -8.55
C SER B 177 -14.28 -4.86 -9.52
N THR B 178 -13.56 -4.29 -10.49
CA THR B 178 -12.76 -5.09 -11.40
C THR B 178 -11.28 -5.07 -11.01
N TYR B 179 -10.52 -5.83 -11.77
CA TYR B 179 -9.06 -5.90 -11.67
C TYR B 179 -8.45 -5.50 -13.00
N SER B 180 -7.18 -5.09 -12.97
CA SER B 180 -6.42 -4.92 -14.19
C SER B 180 -5.09 -5.62 -13.99
N LEU B 181 -4.50 -6.03 -15.10
CA LEU B 181 -3.29 -6.83 -15.06
C LEU B 181 -2.39 -6.44 -16.20
N SER B 182 -1.08 -6.39 -15.92
CA SER B 182 -0.08 -6.22 -16.97
C SER B 182 0.81 -7.46 -17.02
N SER B 183 1.22 -7.82 -18.23
CA SER B 183 2.25 -8.82 -18.45
C SER B 183 3.30 -8.19 -19.34
N THR B 184 4.56 -8.29 -18.93
CA THR B 184 5.67 -7.65 -19.63
C THR B 184 6.62 -8.74 -20.09
N LEU B 185 6.82 -8.83 -21.39
CA LEU B 185 7.76 -9.76 -22.00
C LEU B 185 9.06 -8.99 -22.25
N THR B 186 10.19 -9.53 -21.76
CA THR B 186 11.48 -8.86 -21.92
C THR B 186 12.37 -9.67 -22.84
N LEU B 187 12.78 -9.03 -23.92
CA LEU B 187 13.62 -9.63 -24.94
C LEU B 187 14.81 -8.73 -25.21
N SER B 188 15.88 -9.32 -25.74
CA SER B 188 16.92 -8.47 -26.27
C SER B 188 16.42 -7.74 -27.51
N LYS B 189 17.04 -6.59 -27.80
CA LYS B 189 16.73 -5.90 -29.05
C LYS B 189 16.95 -6.82 -30.25
N ALA B 190 18.05 -7.57 -30.24
CA ALA B 190 18.35 -8.39 -31.41
C ALA B 190 17.27 -9.45 -31.61
N ASP B 191 16.81 -10.06 -30.51
CA ASP B 191 15.73 -11.05 -30.56
C ASP B 191 14.43 -10.40 -31.07
N TYR B 192 14.12 -9.21 -30.56
CA TYR B 192 12.90 -8.53 -30.99
C TYR B 192 12.93 -8.26 -32.48
N GLU B 193 14.08 -7.82 -33.01
CA GLU B 193 14.15 -7.42 -34.40
C GLU B 193 14.19 -8.59 -35.38
N LYS B 194 14.44 -9.81 -34.93
CA LYS B 194 14.46 -10.95 -35.85
C LYS B 194 13.14 -11.72 -35.89
N HIS B 195 12.13 -11.27 -35.15
CA HIS B 195 10.81 -11.89 -35.20
C HIS B 195 9.78 -10.84 -35.59
N LYS B 196 8.63 -11.32 -36.07
CA LYS B 196 7.62 -10.44 -36.65
C LYS B 196 6.36 -10.35 -35.81
N VAL B 197 5.76 -11.48 -35.46
CA VAL B 197 4.42 -11.53 -34.85
C VAL B 197 4.57 -11.66 -33.35
N TYR B 198 4.01 -10.69 -32.62
CA TYR B 198 4.01 -10.68 -31.15
C TYR B 198 2.57 -10.78 -30.67
N ALA B 199 2.28 -11.75 -29.81
CA ALA B 199 0.91 -12.02 -29.42
C ALA B 199 0.82 -12.32 -27.94
N CYS B 200 -0.21 -11.75 -27.35
CA CYS B 200 -0.57 -11.95 -25.96
C CYS B 200 -1.89 -12.72 -25.98
N GLU B 201 -1.96 -13.87 -25.32
CA GLU B 201 -3.17 -14.69 -25.29
C GLU B 201 -3.67 -14.75 -23.86
N VAL B 202 -4.93 -14.40 -23.66
CA VAL B 202 -5.57 -14.33 -22.36
C VAL B 202 -6.67 -15.38 -22.34
N THR B 203 -6.64 -16.26 -21.34
CA THR B 203 -7.66 -17.29 -21.20
C THR B 203 -8.35 -17.18 -19.85
N GLN B 204 -9.68 -17.16 -19.87
CA GLN B 204 -10.49 -17.29 -18.67
C GLN B 204 -11.67 -18.19 -18.99
N GLY B 205 -11.85 -19.23 -18.21
CA GLY B 205 -12.97 -20.13 -18.45
C GLY B 205 -12.94 -20.69 -19.87
N THR B 206 -14.01 -20.45 -20.60
CA THR B 206 -14.22 -21.04 -21.92
C THR B 206 -13.79 -20.12 -23.05
N THR B 207 -13.11 -19.02 -22.74
CA THR B 207 -12.76 -18.04 -23.77
C THR B 207 -11.28 -17.75 -23.72
N SER B 208 -10.62 -17.78 -24.88
CA SER B 208 -9.29 -17.23 -25.05
C SER B 208 -9.37 -16.08 -26.04
N VAL B 209 -8.66 -15.00 -25.78
CA VAL B 209 -8.56 -13.87 -26.69
C VAL B 209 -7.08 -13.63 -26.91
N THR B 210 -6.67 -13.55 -28.17
CA THR B 210 -5.29 -13.24 -28.52
C THR B 210 -5.25 -11.89 -29.21
N LYS B 211 -4.43 -10.97 -28.70
CA LYS B 211 -4.18 -9.68 -29.32
C LYS B 211 -2.73 -9.69 -29.80
N SER B 212 -2.49 -9.21 -31.02
CA SER B 212 -1.16 -9.27 -31.60
C SER B 212 -0.81 -7.97 -32.31
N PHE B 213 0.48 -7.84 -32.62
CA PHE B 213 0.95 -6.83 -33.57
C PHE B 213 2.08 -7.44 -34.40
N ASN B 214 2.31 -6.85 -35.57
CA ASN B 214 3.43 -7.21 -36.44
C ASN B 214 4.47 -6.12 -36.30
N ARG B 215 5.69 -6.51 -35.93
CA ARG B 215 6.76 -5.53 -35.77
C ARG B 215 6.94 -4.76 -37.08
N GLY B 216 7.02 -3.44 -36.97
CA GLY B 216 7.20 -2.57 -38.11
C GLY B 216 5.97 -2.37 -38.99
N GLU B 217 4.78 -2.74 -38.51
CA GLU B 217 3.56 -2.56 -39.29
C GLU B 217 2.48 -1.90 -38.44
N PCA C 1 -2.60 1.02 27.06
CA PCA C 1 -2.62 -0.38 27.40
CB PCA C 1 -1.22 -0.93 27.13
CG PCA C 1 -0.40 0.34 27.34
CD PCA C 1 -1.35 1.51 27.05
OE PCA C 1 -1.02 2.67 26.85
C PCA C 1 -2.94 -0.52 28.90
O PCA C 1 -2.03 -0.56 29.73
HA PCA C 1 -3.27 -0.88 26.89
HB2 PCA C 1 -0.99 -1.64 27.74
HB3 PCA C 1 -1.15 -1.28 26.22
HG2 PCA C 1 -0.04 0.44 28.23
HG3 PCA C 1 0.36 0.41 26.73
N PRO C 2 -4.24 -0.58 29.24
CA PRO C 2 -4.54 -0.54 30.69
C PRO C 2 -3.99 -1.69 31.52
N ALA C 3 -3.83 -2.87 30.92
CA ALA C 3 -3.33 -4.03 31.66
C ALA C 3 -1.85 -3.94 32.03
N ASP C 4 -1.09 -2.98 31.49
CA ASP C 4 0.30 -2.81 31.90
C ASP C 4 0.42 -2.38 33.35
N GLY C 5 -0.60 -1.71 33.89
CA GLY C 5 -0.57 -1.34 35.28
C GLY C 5 0.46 -0.30 35.64
N ASN C 6 0.94 0.45 34.64
N ASN C 6 1.00 0.43 34.65
CA ASN C 6 1.90 1.53 34.85
CA ASN C 6 1.89 1.55 34.92
C ASN C 6 1.36 2.82 34.25
C ASN C 6 1.35 2.79 34.24
N PRO C 7 0.14 3.20 34.62
CA PRO C 7 -0.47 4.37 33.99
C PRO C 7 0.29 5.63 34.34
N ASP C 8 0.28 6.56 33.41
CA ASP C 8 0.95 7.82 33.62
C ASP C 8 0.06 8.70 34.49
N PRO C 9 0.63 9.58 35.30
CA PRO C 9 -0.20 10.49 36.08
C PRO C 9 -0.94 11.45 35.17
N ASN C 10 -2.14 11.83 35.61
CA ASN C 10 -3.05 12.65 34.79
C ASN C 10 -2.58 14.11 34.81
N ALA C 11 -1.41 14.33 34.23
CA ALA C 11 -0.87 15.66 33.94
C ALA C 11 -0.60 15.76 32.44
N ASN C 12 -1.67 15.86 31.66
CA ASN C 12 -1.64 15.70 30.21
C ASN C 12 -2.32 16.92 29.62
N PRO C 13 -1.58 17.89 29.08
CA PRO C 13 -0.12 17.99 28.93
C PRO C 13 0.60 18.35 30.23
N ASN C 14 1.91 18.11 30.30
CA ASN C 14 2.70 18.72 31.36
C ASN C 14 2.51 20.23 31.32
N VAL C 15 2.33 20.83 32.50
CA VAL C 15 2.17 22.27 32.64
C VAL C 15 3.28 22.79 33.54
N ASP C 16 3.48 24.11 33.49
CA ASP C 16 4.46 24.78 34.33
C ASP C 16 4.34 24.23 35.75
N PRO C 17 5.41 23.65 36.31
CA PRO C 17 5.31 23.17 37.70
C PRO C 17 5.18 24.30 38.70
N ASN C 18 5.48 25.54 38.31
CA ASN C 18 5.23 26.75 39.09
C ASN C 18 6.19 26.90 40.25
C1 NAG D . 0.40 -15.10 24.57
C2 NAG D . 0.40 -15.90 25.85
C3 NAG D . 1.86 -15.73 26.24
C4 NAG D . 2.76 -16.35 25.15
C5 NAG D . 2.34 -16.00 23.71
C6 NAG D . 2.88 -16.92 22.62
C7 NAG D . -1.41 -16.18 27.55
C8 NAG D . -2.29 -15.39 28.48
N2 NAG D . -0.56 -15.42 26.82
O3 NAG D . 2.04 -16.29 27.51
O4 NAG D . 4.06 -15.85 25.41
O5 NAG D . 0.93 -15.99 23.60
O6 NAG D . 2.64 -18.27 22.97
O7 NAG D . -1.47 -17.40 27.47
H2 NAG D . 0.12 -16.83 25.77
H3 NAG D . 2.07 -14.78 26.27
H4 NAG D . 2.66 -17.32 25.26
H5 NAG D . 2.70 -15.12 23.52
H61 NAG D . 3.83 -16.74 22.52
H62 NAG D . 2.47 -16.68 21.78
H81 NAG D . -2.36 -15.87 29.32
H82 NAG D . -3.17 -15.29 28.09
H83 NAG D . -1.90 -14.52 28.64
HN2 NAG D . -0.59 -14.58 26.93
HO3 NAG D . 1.61 -17.01 27.55
HO4 NAG D . 4.07 -15.02 25.25
C1 FUC D . 2.52 -19.11 21.80
C2 FUC D . 2.91 -20.55 22.19
C3 FUC D . 1.93 -21.11 23.20
C4 FUC D . 0.52 -21.06 22.61
C5 FUC D . 0.22 -19.61 22.23
C6 FUC D . -1.15 -19.43 21.60
O2 FUC D . 4.22 -20.54 22.68
O3 FUC D . 2.35 -22.40 23.56
O4 FUC D . 0.46 -21.94 21.51
O5 FUC D . 1.21 -19.11 21.31
H2 FUC D . 2.85 -21.05 21.36
H3 FUC D . 1.93 -20.54 23.99
H4 FUC D . -0.12 -21.32 23.30
H5 FUC D . 0.25 -19.07 23.04
H61 FUC D . -1.26 -18.53 21.26
H62 FUC D . -1.84 -19.59 22.25
H63 FUC D . -1.27 -20.05 20.87
HO2 FUC D . 4.22 -20.14 23.42
HO3 FUC D . 2.19 -22.93 22.91
HO4 FUC D . 0.79 -21.55 20.83
C1 EDO E . 11.19 8.02 0.86
O1 EDO E . 12.34 8.08 0.04
C2 EDO E . 10.33 6.87 0.42
O2 EDO E . 9.09 6.81 1.12
H11 EDO E . 10.66 8.84 0.80
H12 EDO E . 11.42 7.91 1.80
HO1 EDO E . 12.50 7.30 -0.25
H21 EDO E . 10.85 6.06 0.55
H22 EDO E . 10.20 6.97 -0.54
HO2 EDO E . 8.88 7.59 1.37
C1 EDO F . -1.66 0.58 -27.97
O1 EDO F . -1.88 1.20 -29.21
C2 EDO F . -2.91 0.66 -27.11
O2 EDO F . -3.56 1.90 -27.26
H11 EDO F . -1.42 -0.36 -28.08
H12 EDO F . -0.92 1.00 -27.49
HO1 EDO F . -1.14 1.25 -29.62
H21 EDO F . -3.47 -0.09 -27.38
H22 EDO F . -2.63 0.48 -26.20
HO2 EDO F . -4.40 1.76 -27.32
C1 EDO G . 6.56 -3.45 -15.82
O1 EDO G . 5.40 -3.50 -16.67
C2 EDO G . 6.85 -4.79 -15.21
O2 EDO G . 5.76 -5.21 -14.41
H11 EDO G . 6.45 -2.81 -15.11
H12 EDO G . 7.34 -3.18 -16.33
HO1 EDO G . 5.09 -2.71 -16.72
H21 EDO G . 7.04 -5.41 -15.93
H22 EDO G . 7.67 -4.71 -14.69
HO2 EDO G . 5.67 -6.05 -14.49
C1 EDO H . 8.75 17.34 -20.80
O1 EDO H . 8.83 18.56 -20.10
C2 EDO H . 7.61 16.60 -20.19
O2 EDO H . 6.42 17.26 -20.51
H11 EDO H . 9.57 16.82 -20.71
H12 EDO H . 8.60 17.47 -21.75
HO1 EDO H . 9.45 19.02 -20.46
H21 EDO H . 7.64 15.69 -20.52
H22 EDO H . 7.76 16.56 -19.23
HO2 EDO H . 5.79 16.90 -20.07
C1 EDO I . 1.02 -11.35 7.91
O1 EDO I . 0.02 -12.18 8.46
C2 EDO I . 0.41 -10.52 6.81
O2 EDO I . -0.52 -9.61 7.36
H11 EDO I . 1.76 -11.87 7.54
H12 EDO I . 1.40 -10.75 8.58
HO1 EDO I . 0.27 -12.43 9.23
H21 EDO I . 0.00 -11.13 6.18
H22 EDO I . 1.13 -10.06 6.34
HO2 EDO I . -0.68 -9.01 6.79
C1 EDO J . -0.77 -17.30 7.00
O1 EDO J . -1.81 -16.70 7.74
C2 EDO J . 0.01 -16.23 6.26
O2 EDO J . -0.80 -15.60 5.28
H11 EDO J . -0.16 -17.80 7.56
H12 EDO J . -1.13 -17.93 6.35
HO1 EDO J . -2.13 -17.29 8.26
H21 EDO J . 0.34 -15.61 6.92
H22 EDO J . 0.79 -16.66 5.87
HO2 EDO J . -0.34 -14.98 4.92
C1 EDO K . -8.03 -5.27 -1.29
O1 EDO K . -7.42 -3.99 -1.36
C2 EDO K . -8.99 -5.41 -2.45
O2 EDO K . -8.30 -5.93 -3.58
H11 EDO K . -8.52 -5.38 -0.46
H12 EDO K . -7.38 -5.98 -1.33
HO1 EDO K . -6.89 -3.92 -0.70
H21 EDO K . -9.37 -4.54 -2.64
H22 EDO K . -9.72 -5.98 -2.17
HO2 EDO K . -8.74 -6.60 -3.87
C1 EDO L . -10.94 -13.25 -22.65
O1 EDO L . -12.04 -12.35 -22.69
C2 EDO L . -10.83 -13.83 -21.27
O2 EDO L . -11.86 -13.29 -20.46
H11 EDO L . -10.11 -12.80 -22.87
H12 EDO L . -11.04 -13.97 -23.29
HO1 EDO L . -12.17 -12.14 -23.50
H21 EDO L . -9.94 -13.63 -20.93
H22 EDO L . -10.89 -14.80 -21.34
HO2 EDO L . -11.65 -13.40 -19.64
#